data_4ZS4
#
_entry.id   4ZS4
#
_cell.length_a   83.207
_cell.length_b   109.744
_cell.length_c   77.845
_cell.angle_alpha   90.000
_cell.angle_beta   90.000
_cell.angle_gamma   90.000
#
_symmetry.space_group_name_H-M   'P 21 21 2'
#
loop_
_entity.id
_entity.type
_entity.pdbx_description
1 polymer 'Myosin heavy chain kinase A'
2 non-polymer 'PHOSPHATE ION'
3 non-polymer 'ZINC ION'
4 non-polymer "ADENOSINE-5'-TRIPHOSPHATE"
5 water water
#
_entity_poly.entity_id   1
_entity_poly.type   'polypeptide(L)'
_entity_poly.pdbx_seq_one_letter_code
;MGGHHHHHHGENLYFQGISSETGEMGILWEFDPIINKWIRLSMKLKVERKPFAEGALREAYHTVSLGVGTDENYPLGTTT
KLFPPIEMISPISKNNEAMTQLKNGTKFVLKLYKKEAEQQASRELYFEDVKMQMVCRDWGNKFNQKKPPKKIEFLMSWVV
ELIDRSPSSNGQPILCSIEPLLVGEFKKNNSNYGAVLTNRSTPQAFSHFTYELSNKQMIVVAIQGVDDLYTDPQIHTPDG
KGFGLGNLGKAGINKFITTHKCNAVCALLDLDVKLGGVLSGNNKKQLQQGTMVMPDILPELMPSDNT
;
_entity_poly.pdbx_strand_id   A,B
#
loop_
_chem_comp.id
_chem_comp.type
_chem_comp.name
_chem_comp.formula
ATP non-polymer ADENOSINE-5'-TRIPHOSPHATE 'C10 H16 N5 O13 P3'
PO4 non-polymer 'PHOSPHATE ION' 'O4 P -3'
ZN non-polymer 'ZINC ION' 'Zn 2'
#
# COMPACT_ATOMS: atom_id res chain seq x y z
N ILE A 18 4.41 17.09 24.34
CA ILE A 18 3.89 16.52 25.63
C ILE A 18 3.80 17.60 26.72
N SER A 19 2.60 17.74 27.28
CA SER A 19 2.26 18.78 28.24
C SER A 19 2.45 18.33 29.69
N SER A 20 2.42 19.31 30.58
CA SER A 20 2.26 19.09 31.99
C SER A 20 1.24 20.12 32.47
N GLU A 21 0.24 19.72 33.24
CA GLU A 21 -0.08 18.37 33.67
C GLU A 21 -1.56 18.28 33.27
N THR A 22 -2.36 17.30 33.70
CA THR A 22 -1.96 16.08 34.42
C THR A 22 -2.85 14.99 33.84
N GLY A 23 -2.26 13.86 33.47
CA GLY A 23 -3.01 12.73 32.91
C GLY A 23 -2.17 11.49 33.05
N GLU A 24 -2.27 10.58 32.10
CA GLU A 24 -1.49 9.35 32.14
C GLU A 24 -0.68 9.13 30.85
N MET A 25 0.44 8.43 30.98
CA MET A 25 1.34 8.23 29.86
C MET A 25 0.93 6.99 29.14
N GLY A 26 1.27 6.95 27.86
CA GLY A 26 1.04 5.78 27.02
C GLY A 26 2.15 5.62 26.01
N ILE A 27 2.45 4.38 25.64
CA ILE A 27 3.26 4.11 24.47
C ILE A 27 2.27 4.00 23.33
N LEU A 28 2.56 4.70 22.24
CA LEU A 28 1.60 4.87 21.15
C LEU A 28 2.17 4.25 19.91
N TRP A 29 1.40 3.41 19.24
CA TRP A 29 1.89 2.71 18.06
C TRP A 29 1.08 3.06 16.83
N GLU A 30 1.78 3.49 15.79
CA GLU A 30 1.16 3.82 14.54
C GLU A 30 1.69 2.85 13.48
N PHE A 31 0.80 2.21 12.73
CA PHE A 31 1.29 1.39 11.61
C PHE A 31 1.25 2.21 10.32
N ASP A 32 2.33 2.13 9.53
CA ASP A 32 2.40 2.76 8.22
C ASP A 32 2.50 1.71 7.11
N PRO A 33 1.39 1.43 6.41
CA PRO A 33 1.40 0.39 5.37
C PRO A 33 2.42 0.54 4.26
N ILE A 34 2.74 1.76 3.86
CA ILE A 34 3.60 1.95 2.70
C ILE A 34 5.07 1.59 2.93
N ILE A 35 5.55 1.70 4.16
CA ILE A 35 6.86 1.13 4.50
C ILE A 35 6.70 -0.19 5.26
N ASN A 36 5.46 -0.55 5.58
CA ASN A 36 5.19 -1.78 6.24
C ASN A 36 5.93 -1.90 7.58
N LYS A 37 5.86 -0.83 8.37
CA LYS A 37 6.51 -0.78 9.67
C LYS A 37 5.63 -0.08 10.66
N TRP A 38 5.80 -0.46 11.93
CA TRP A 38 5.19 0.21 13.09
C TRP A 38 6.10 1.33 13.55
N ILE A 39 5.49 2.43 13.98
CA ILE A 39 6.17 3.61 14.44
C ILE A 39 5.81 3.74 15.92
N ARG A 40 6.82 3.79 16.79
CA ARG A 40 6.61 3.77 18.22
C ARG A 40 6.87 5.13 18.83
N LEU A 41 5.89 5.63 19.57
CA LEU A 41 5.93 6.98 20.11
C LEU A 41 5.49 6.92 21.56
N SER A 42 5.37 8.09 22.19
CA SER A 42 4.70 8.20 23.49
C SER A 42 3.67 9.31 23.45
N MET A 43 2.67 9.23 24.31
CA MET A 43 1.73 10.34 24.48
C MET A 43 1.22 10.45 25.93
N LYS A 44 0.62 11.59 26.23
CA LYS A 44 -0.03 11.77 27.51
C LYS A 44 -1.50 12.02 27.22
N LEU A 45 -2.36 11.42 28.01
CA LEU A 45 -3.78 11.55 27.76
C LEU A 45 -4.57 11.55 29.06
N LYS A 46 -5.79 12.07 28.97
CA LYS A 46 -6.69 12.15 30.10
C LYS A 46 -7.98 11.51 29.63
N VAL A 47 -8.40 10.44 30.28
CA VAL A 47 -9.56 9.71 29.81
C VAL A 47 -10.66 9.74 30.86
N GLU A 48 -11.89 9.94 30.43
CA GLU A 48 -13.03 9.94 31.34
C GLU A 48 -13.19 8.59 31.95
N ARG A 49 -13.62 8.58 33.19
CA ARG A 49 -13.73 7.36 33.97
C ARG A 49 -14.82 6.42 33.43
N LYS A 50 -15.88 6.98 32.84
CA LYS A 50 -17.01 6.17 32.32
C LYS A 50 -17.13 6.19 30.80
N PRO A 51 -17.46 5.06 30.18
CA PRO A 51 -17.62 5.06 28.74
C PRO A 51 -18.86 5.80 28.28
N PHE A 52 -18.79 6.44 27.13
CA PHE A 52 -19.98 7.07 26.53
C PHE A 52 -20.76 6.14 25.60
N ALA A 53 -20.24 4.95 25.33
CA ALA A 53 -20.86 4.05 24.37
C ALA A 53 -20.22 2.68 24.43
N GLU A 54 -20.93 1.68 23.94
CA GLU A 54 -20.42 0.33 23.88
C GLU A 54 -21.10 -0.44 22.77
N GLY A 55 -20.47 -1.53 22.36
CA GLY A 55 -21.04 -2.42 21.37
C GLY A 55 -20.81 -3.83 21.81
N ALA A 56 -20.87 -4.77 20.86
CA ALA A 56 -20.73 -6.19 21.17
C ALA A 56 -19.47 -6.51 22.00
N LEU A 57 -18.34 -5.90 21.63
CA LEU A 57 -17.03 -6.27 22.20
C LEU A 57 -16.36 -5.21 23.08
N ARG A 58 -16.60 -3.92 22.82
CA ARG A 58 -15.79 -2.86 23.40
C ARG A 58 -16.61 -1.75 24.04
N GLU A 59 -15.96 -0.99 24.91
CA GLU A 59 -16.53 0.27 25.42
C GLU A 59 -15.67 1.42 24.92
N ALA A 60 -16.30 2.57 24.70
CA ALA A 60 -15.64 3.74 24.17
C ALA A 60 -15.67 4.86 25.19
N TYR A 61 -14.56 5.60 25.30
CA TYR A 61 -14.42 6.65 26.30
C TYR A 61 -13.97 7.94 25.66
N HIS A 62 -14.54 9.06 26.06
CA HIS A 62 -14.00 10.35 25.67
C HIS A 62 -12.65 10.57 26.33
N THR A 63 -11.73 11.12 25.55
CA THR A 63 -10.36 11.28 25.95
C THR A 63 -9.84 12.58 25.36
N VAL A 64 -8.90 13.22 26.05
CA VAL A 64 -8.25 14.38 25.49
C VAL A 64 -6.74 14.16 25.51
N SER A 65 -6.10 14.56 24.43
CA SER A 65 -4.66 14.45 24.32
C SER A 65 -3.94 15.53 25.09
N LEU A 66 -2.87 15.13 25.76
CA LEU A 66 -1.96 16.07 26.40
C LEU A 66 -0.63 16.04 25.66
N GLY A 67 -0.66 15.58 24.42
CA GLY A 67 0.47 15.75 23.54
C GLY A 67 1.15 14.45 23.21
N VAL A 68 1.90 14.46 22.12
CA VAL A 68 2.59 13.30 21.61
C VAL A 68 4.06 13.61 21.58
N GLY A 69 4.87 12.66 22.04
CA GLY A 69 6.32 12.80 21.98
C GLY A 69 6.99 11.54 21.49
N THR A 70 8.32 11.49 21.59
CA THR A 70 9.06 10.32 21.18
C THR A 70 9.04 9.26 22.28
N ASP A 71 9.58 8.10 21.93
CA ASP A 71 9.61 6.97 22.82
C ASP A 71 10.96 6.79 23.55
N GLU A 72 11.82 7.82 23.55
CA GLU A 72 13.21 7.70 24.05
C GLU A 72 13.32 7.13 25.45
N ASN A 73 12.42 7.58 26.32
CA ASN A 73 12.50 7.22 27.73
C ASN A 73 12.10 5.81 28.05
N TYR A 74 11.48 5.12 27.10
CA TYR A 74 10.86 3.85 27.39
C TYR A 74 11.48 2.75 26.56
N PRO A 75 12.73 2.39 26.89
CA PRO A 75 13.48 1.52 26.02
C PRO A 75 12.75 0.24 25.68
N LEU A 76 12.94 -0.19 24.45
CA LEU A 76 12.34 -1.39 23.93
C LEU A 76 13.23 -2.58 24.34
N GLY A 77 12.63 -3.76 24.36
CA GLY A 77 13.39 -5.01 24.15
C GLY A 77 14.21 -5.55 25.28
N THR A 78 13.58 -5.52 26.46
CA THR A 78 14.19 -5.89 27.77
C THR A 78 15.05 -7.18 27.73
N THR A 80 13.49 -8.34 25.50
CA THR A 80 13.52 -9.31 24.43
C THR A 80 12.13 -9.93 24.29
N LYS A 81 11.93 -10.79 23.30
CA LYS A 81 10.64 -11.48 23.04
C LYS A 81 9.60 -10.55 22.39
N LEU A 82 10.05 -9.62 21.56
CA LEU A 82 9.19 -8.50 21.17
C LEU A 82 7.96 -8.84 20.32
N PHE A 83 6.85 -8.16 20.62
CA PHE A 83 5.76 -7.93 19.65
C PHE A 83 5.23 -6.47 19.59
N PRO A 84 5.30 -5.84 18.42
CA PRO A 84 5.83 -6.42 17.19
C PRO A 84 7.34 -6.63 17.24
N PRO A 85 7.85 -7.55 16.41
CA PRO A 85 9.29 -7.82 16.45
C PRO A 85 10.06 -6.64 15.90
N ILE A 86 11.30 -6.52 16.36
CA ILE A 86 12.12 -5.36 16.10
C ILE A 86 12.26 -5.04 14.62
N GLU A 87 12.28 -6.06 13.77
CA GLU A 87 12.42 -5.83 12.34
C GLU A 87 11.18 -5.23 11.67
N MET A 88 10.04 -5.22 12.38
CA MET A 88 8.81 -4.57 11.93
C MET A 88 8.66 -3.14 12.47
N ILE A 89 9.71 -2.59 13.09
CA ILE A 89 9.61 -1.30 13.73
C ILE A 89 10.56 -0.33 13.05
N SER A 90 10.05 0.85 12.72
CA SER A 90 10.89 1.88 12.11
C SER A 90 11.85 2.43 13.15
N PRO A 91 13.14 2.53 12.80
CA PRO A 91 14.09 3.15 13.73
C PRO A 91 13.87 4.65 13.84
N ILE A 92 13.16 5.25 12.91
CA ILE A 92 12.91 6.69 12.92
C ILE A 92 11.41 6.94 12.98
N SER A 93 11.02 7.95 13.75
CA SER A 93 9.63 8.23 14.02
C SER A 93 9.30 9.72 13.92
N LYS A 94 10.16 10.48 13.27
CA LYS A 94 9.99 11.92 13.21
C LYS A 94 8.67 12.28 12.49
N ASN A 95 8.32 11.50 11.49
CA ASN A 95 7.12 11.73 10.77
C ASN A 95 6.04 10.68 11.08
N ASN A 96 4.82 11.15 11.32
CA ASN A 96 3.71 10.28 11.67
C ASN A 96 2.43 11.12 11.67
N GLU A 97 1.29 10.47 11.59
CA GLU A 97 -0.01 11.14 11.67
C GLU A 97 -0.39 11.58 13.09
N ALA A 98 0.04 10.84 14.10
CA ALA A 98 -0.29 11.12 15.50
C ALA A 98 0.06 12.51 15.94
N MET A 99 1.19 13.01 15.45
CA MET A 99 1.69 14.30 15.92
C MET A 99 0.75 15.44 15.57
N THR A 100 0.02 15.35 14.45
CA THR A 100 -0.97 16.39 14.13
C THR A 100 -2.35 15.97 14.63
N GLN A 101 -2.74 14.72 14.41
CA GLN A 101 -4.09 14.28 14.71
C GLN A 101 -4.38 14.08 16.18
N LEU A 102 -3.33 13.97 17.00
CA LEU A 102 -3.50 13.82 18.44
C LEU A 102 -2.71 14.86 19.22
N LYS A 103 -2.49 16.02 18.62
CA LYS A 103 -1.72 17.07 19.27
C LYS A 103 -2.43 17.51 20.52
N ASN A 104 -1.68 18.14 21.41
CA ASN A 104 -2.22 18.60 22.67
C ASN A 104 -3.60 19.28 22.53
N GLY A 105 -4.53 18.88 23.38
CA GLY A 105 -5.88 19.45 23.39
C GLY A 105 -6.90 18.76 22.50
N THR A 106 -6.46 17.89 21.58
CA THR A 106 -7.38 17.12 20.72
C THR A 106 -8.28 16.22 21.54
N LYS A 107 -9.57 16.21 21.22
CA LYS A 107 -10.53 15.26 21.79
C LYS A 107 -10.61 14.04 20.89
N PHE A 108 -10.60 12.85 21.49
CA PHE A 108 -10.56 11.65 20.70
C PHE A 108 -11.18 10.53 21.50
N VAL A 109 -11.13 9.30 20.98
CA VAL A 109 -11.84 8.18 21.58
C VAL A 109 -10.88 7.05 21.92
N LEU A 110 -11.12 6.41 23.06
CA LEU A 110 -10.29 5.32 23.52
C LEU A 110 -11.19 4.12 23.71
N LYS A 111 -10.78 2.96 23.24
CA LYS A 111 -11.62 1.78 23.32
C LYS A 111 -10.96 0.64 24.06
N LEU A 112 -11.70 0.05 24.98
CA LEU A 112 -11.24 -1.11 25.75
C LEU A 112 -12.10 -2.30 25.46
N TYR A 113 -11.52 -3.47 25.42
CA TYR A 113 -12.28 -4.69 25.33
C TYR A 113 -12.98 -4.90 26.67
N LYS A 114 -14.20 -5.43 26.62
CA LYS A 114 -14.90 -5.82 27.83
C LYS A 114 -14.36 -7.14 28.42
N LYS A 115 -14.66 -7.37 29.70
CA LYS A 115 -14.34 -8.64 30.37
C LYS A 115 -14.70 -9.83 29.50
N GLU A 118 -9.57 -8.56 28.30
CA GLU A 118 -10.44 -9.65 27.84
C GLU A 118 -9.75 -11.01 27.80
N GLN A 119 -10.56 -12.05 27.93
CA GLN A 119 -10.06 -13.42 27.88
C GLN A 119 -9.25 -13.64 26.60
N GLN A 120 -9.88 -13.43 25.44
CA GLN A 120 -9.28 -13.76 24.14
C GLN A 120 -8.33 -12.73 23.49
N ALA A 121 -8.25 -11.53 24.09
CA ALA A 121 -7.47 -10.43 23.53
C ALA A 121 -5.99 -10.52 23.93
N SER A 122 -5.22 -11.20 23.09
CA SER A 122 -3.79 -11.16 23.23
C SER A 122 -3.25 -9.81 22.75
N ARG A 123 -1.97 -9.58 23.04
CA ARG A 123 -1.29 -8.38 22.63
C ARG A 123 -1.34 -8.25 21.10
N GLU A 124 -1.04 -9.36 20.42
CA GLU A 124 -1.02 -9.44 18.95
C GLU A 124 -2.35 -8.98 18.33
N LEU A 125 -3.43 -9.26 19.02
CA LEU A 125 -4.76 -8.93 18.52
C LEU A 125 -5.02 -7.42 18.41
N TYR A 126 -4.48 -6.64 19.35
CA TYR A 126 -4.67 -5.22 19.28
C TYR A 126 -3.96 -4.63 18.06
N PHE A 127 -2.76 -5.14 17.80
CA PHE A 127 -1.98 -4.72 16.67
C PHE A 127 -2.63 -5.16 15.38
N GLU A 128 -3.23 -6.37 15.40
CA GLU A 128 -4.02 -6.86 14.28
C GLU A 128 -5.19 -5.93 13.96
N ASP A 129 -5.90 -5.47 14.98
CA ASP A 129 -7.05 -4.62 14.77
C ASP A 129 -6.62 -3.28 14.17
N VAL A 130 -5.48 -2.75 14.60
CA VAL A 130 -5.06 -1.46 14.10
C VAL A 130 -4.55 -1.60 12.69
N LYS A 131 -3.78 -2.65 12.44
CA LYS A 131 -3.29 -2.90 11.09
C LYS A 131 -4.48 -3.06 10.13
N MET A 132 -5.46 -3.86 10.53
CA MET A 132 -6.67 -4.06 9.73
C MET A 132 -7.32 -2.74 9.38
N GLN A 133 -7.41 -1.84 10.35
CA GLN A 133 -8.01 -0.57 10.05
C GLN A 133 -7.18 0.25 9.04
N MET A 134 -5.86 0.17 9.14
CA MET A 134 -4.98 0.86 8.19
C MET A 134 -5.10 0.24 6.79
N VAL A 135 -5.28 -1.06 6.70
CA VAL A 135 -5.49 -1.70 5.40
C VAL A 135 -6.80 -1.19 4.78
N CYS A 136 -7.86 -1.14 5.58
CA CYS A 136 -9.14 -0.63 5.12
C CYS A 136 -9.02 0.81 4.67
N ARG A 137 -8.16 1.57 5.34
CA ARG A 137 -7.91 2.95 4.95
C ARG A 137 -7.28 3.03 3.55
N ASP A 138 -6.38 2.11 3.22
CA ASP A 138 -5.86 2.04 1.85
C ASP A 138 -6.95 1.72 0.83
N TRP A 139 -7.90 0.88 1.21
CA TRP A 139 -8.94 0.47 0.31
C TRP A 139 -9.87 1.62 0.03
N GLY A 140 -10.13 2.42 1.05
CA GLY A 140 -10.87 3.65 0.90
C GLY A 140 -10.22 4.61 -0.11
N ASN A 141 -8.91 4.80 -0.02
CA ASN A 141 -8.22 5.65 -1.01
C ASN A 141 -8.36 5.08 -2.41
N LYS A 142 -8.26 3.76 -2.52
CA LYS A 142 -8.34 3.11 -3.81
C LYS A 142 -9.74 3.25 -4.41
N PHE A 143 -10.74 3.14 -3.56
CA PHE A 143 -12.12 3.34 -3.97
C PHE A 143 -12.30 4.79 -4.48
N ASN A 144 -11.80 5.75 -3.70
CA ASN A 144 -11.86 7.15 -4.10
C ASN A 144 -11.18 7.48 -5.40
N GLN A 145 -10.15 6.73 -5.79
CA GLN A 145 -9.46 7.00 -7.03
C GLN A 145 -10.33 6.74 -8.26
N LYS A 146 -11.34 5.88 -8.12
CA LYS A 146 -12.33 5.65 -9.16
C LYS A 146 -13.32 6.79 -9.26
N LYS A 147 -13.25 7.76 -8.35
CA LYS A 147 -14.09 8.96 -8.42
C LYS A 147 -15.55 8.57 -8.39
N PRO A 148 -15.99 7.96 -7.27
CA PRO A 148 -17.39 7.58 -7.13
C PRO A 148 -18.17 8.82 -6.71
N PRO A 149 -19.49 8.74 -6.67
CA PRO A 149 -20.28 9.90 -6.29
C PRO A 149 -20.00 10.38 -4.87
N LYS A 150 -19.74 9.47 -3.95
CA LYS A 150 -19.32 9.84 -2.60
C LYS A 150 -18.02 9.14 -2.21
N LYS A 151 -17.01 9.96 -1.91
CA LYS A 151 -15.73 9.49 -1.44
C LYS A 151 -15.94 8.99 -0.05
N ILE A 152 -15.12 8.03 0.35
CA ILE A 152 -15.15 7.51 1.71
C ILE A 152 -13.78 7.67 2.38
N GLU A 153 -13.75 7.50 3.69
CA GLU A 153 -12.50 7.50 4.41
C GLU A 153 -12.65 6.71 5.69
N PHE A 154 -11.63 5.93 6.04
CA PHE A 154 -11.56 5.32 7.35
C PHE A 154 -10.64 6.12 8.23
N LEU A 155 -11.05 6.28 9.47
CA LEU A 155 -10.23 6.94 10.47
C LEU A 155 -8.91 6.19 10.72
N MET A 156 -7.91 6.96 11.12
CA MET A 156 -6.72 6.41 11.75
C MET A 156 -7.12 5.66 13.01
N SER A 157 -6.34 4.65 13.35
CA SER A 157 -6.41 4.01 14.64
C SER A 157 -4.97 3.73 15.08
N TRP A 158 -4.77 3.61 16.38
CA TRP A 158 -3.45 3.43 16.96
C TRP A 158 -3.59 2.49 18.16
N VAL A 159 -2.55 1.74 18.46
CA VAL A 159 -2.51 0.99 19.69
C VAL A 159 -1.90 1.88 20.75
N VAL A 160 -2.44 1.81 21.97
CA VAL A 160 -1.81 2.47 23.11
C VAL A 160 -1.65 1.51 24.27
N GLU A 161 -0.41 1.42 24.75
CA GLU A 161 -0.08 0.70 25.98
C GLU A 161 -0.20 1.70 27.13
N LEU A 162 -1.15 1.49 28.03
CA LEU A 162 -1.39 2.41 29.15
C LEU A 162 -0.47 2.03 30.28
N ILE A 163 0.76 2.50 30.17
CA ILE A 163 1.85 2.06 31.01
C ILE A 163 1.73 2.54 32.47
N ASP A 164 1.01 3.62 32.73
CA ASP A 164 0.80 4.08 34.10
C ASP A 164 -0.17 3.20 34.90
N ARG A 165 -0.93 2.32 34.25
CA ARG A 165 -1.92 1.49 34.96
C ARG A 165 -1.36 0.16 35.41
N SER A 166 -1.86 -0.32 36.54
CA SER A 166 -1.37 -1.60 37.05
C SER A 166 -1.71 -2.68 36.06
N PRO A 167 -0.74 -3.54 35.75
CA PRO A 167 -0.97 -4.71 34.93
C PRO A 167 -2.16 -5.54 35.40
N SER A 168 -2.77 -6.30 34.51
CA SER A 168 -3.95 -7.11 34.87
C SER A 168 -3.61 -8.27 35.86
N SER A 169 -4.62 -8.97 36.37
CA SER A 169 -4.40 -10.14 37.26
C SER A 169 -3.30 -11.09 36.74
N ASN A 170 -3.21 -11.23 35.42
CA ASN A 170 -2.23 -12.09 34.74
C ASN A 170 -0.86 -11.46 34.44
N GLY A 171 -0.62 -10.21 34.83
CA GLY A 171 0.68 -9.56 34.59
C GLY A 171 0.91 -8.94 33.21
N GLN A 172 -0.09 -8.97 32.35
CA GLN A 172 -0.03 -8.25 31.08
C GLN A 172 -0.29 -6.77 31.28
N PRO A 173 0.47 -5.92 30.58
CA PRO A 173 0.11 -4.48 30.63
C PRO A 173 -1.24 -4.20 29.99
N ILE A 174 -1.86 -3.10 30.38
CA ILE A 174 -3.15 -2.70 29.83
C ILE A 174 -2.99 -2.07 28.45
N LEU A 175 -3.67 -2.69 27.49
CA LEU A 175 -3.69 -2.17 26.13
C LEU A 175 -5.08 -1.65 25.80
N CYS A 176 -5.10 -0.73 24.85
CA CYS A 176 -6.33 -0.22 24.28
C CYS A 176 -6.03 0.24 22.84
N SER A 177 -7.05 0.69 22.13
CA SER A 177 -6.83 1.33 20.84
C SER A 177 -7.50 2.69 20.89
N ILE A 178 -7.00 3.63 20.10
CA ILE A 178 -7.55 4.97 20.10
C ILE A 178 -7.77 5.40 18.67
N GLU A 179 -8.67 6.36 18.49
CA GLU A 179 -8.98 6.88 17.18
C GLU A 179 -9.61 8.28 17.34
N PRO A 180 -9.71 9.04 16.24
CA PRO A 180 -10.35 10.34 16.28
C PRO A 180 -11.81 10.25 16.70
N LEU A 181 -12.35 11.36 17.18
CA LEU A 181 -13.76 11.41 17.61
C LEU A 181 -14.60 11.67 16.40
N LEU A 182 -15.60 10.86 16.15
CA LEU A 182 -16.59 11.18 15.12
C LEU A 182 -17.72 12.03 15.69
N VAL A 183 -17.97 13.18 15.09
CA VAL A 183 -19.12 13.99 15.48
C VAL A 183 -20.30 13.81 14.52
N GLY A 184 -21.41 13.32 15.05
CA GLY A 184 -22.62 13.14 14.27
C GLY A 184 -23.37 11.88 14.66
N GLU A 185 -24.29 11.47 13.80
CA GLU A 185 -25.08 10.27 14.01
C GLU A 185 -24.32 9.02 13.53
N PHE A 186 -23.90 8.22 14.47
CA PHE A 186 -23.15 7.03 14.17
C PHE A 186 -24.09 5.95 13.69
N LYS A 187 -23.84 5.41 12.50
CA LYS A 187 -24.68 4.38 11.93
C LYS A 187 -23.90 3.20 11.36
N LYS A 188 -24.46 2.02 11.52
CA LYS A 188 -23.88 0.80 11.04
C LYS A 188 -24.61 0.38 9.77
N ASN A 189 -23.88 0.20 8.66
CA ASN A 189 -24.48 -0.01 7.35
C ASN A 189 -24.51 -1.47 6.94
N ASN A 190 -23.48 -2.22 7.29
CA ASN A 190 -23.58 -3.66 7.22
C ASN A 190 -22.83 -4.24 8.40
N SER A 191 -23.04 -5.52 8.67
CA SER A 191 -22.30 -6.25 9.72
C SER A 191 -21.20 -7.12 9.09
N ASN A 192 -20.47 -7.87 9.92
CA ASN A 192 -19.49 -8.80 9.40
C ASN A 192 -20.10 -10.17 9.14
N TYR A 193 -21.43 -10.26 9.14
CA TYR A 193 -22.07 -11.51 8.79
C TYR A 193 -23.42 -11.36 8.09
N GLY A 194 -23.47 -10.55 7.03
CA GLY A 194 -24.59 -10.54 6.11
C GLY A 194 -25.66 -9.46 6.25
N ALA A 195 -25.70 -8.80 7.39
CA ALA A 195 -26.74 -7.83 7.62
C ALA A 195 -26.52 -6.59 6.79
N VAL A 196 -27.59 -6.13 6.18
CA VAL A 196 -27.61 -4.89 5.44
C VAL A 196 -28.58 -4.04 6.24
N LEU A 197 -28.06 -3.02 6.91
CA LEU A 197 -28.81 -2.33 7.95
C LEU A 197 -29.24 -0.91 7.59
N THR A 198 -28.83 -0.42 6.43
CA THR A 198 -29.37 0.85 5.95
C THR A 198 -29.58 0.76 4.45
N ASN A 199 -30.27 1.76 3.91
CA ASN A 199 -30.61 1.78 2.50
C ASN A 199 -29.56 2.40 1.62
N ARG A 200 -28.47 2.85 2.22
CA ARG A 200 -27.45 3.59 1.48
C ARG A 200 -26.70 2.67 0.52
N SER A 201 -26.34 3.20 -0.63
CA SER A 201 -25.66 2.44 -1.65
C SER A 201 -24.14 2.37 -1.50
N THR A 202 -23.53 3.48 -1.12
CA THR A 202 -22.08 3.58 -1.13
C THR A 202 -21.41 2.53 -0.23
N PRO A 203 -21.91 2.31 1.00
CA PRO A 203 -21.28 1.33 1.86
C PRO A 203 -21.30 -0.09 1.31
N GLN A 204 -22.37 -0.45 0.62
CA GLN A 204 -22.52 -1.80 0.12
C GLN A 204 -21.68 -1.92 -1.12
N ALA A 205 -21.64 -0.86 -1.91
CA ALA A 205 -20.84 -0.88 -3.11
C ALA A 205 -19.35 -0.90 -2.77
N PHE A 206 -18.97 -0.27 -1.65
CA PHE A 206 -17.59 -0.28 -1.26
C PHE A 206 -17.19 -1.71 -0.87
N SER A 207 -18.00 -2.38 -0.07
CA SER A 207 -17.75 -3.78 0.28
C SER A 207 -17.57 -4.66 -0.95
N HIS A 208 -18.48 -4.54 -1.90
CA HIS A 208 -18.36 -5.26 -3.16
C HIS A 208 -17.10 -4.89 -3.96
N PHE A 209 -16.83 -3.60 -4.10
CA PHE A 209 -15.56 -3.13 -4.69
C PHE A 209 -14.33 -3.90 -4.12
N THR A 210 -14.25 -3.99 -2.79
CA THR A 210 -13.06 -4.64 -2.21
C THR A 210 -12.95 -6.11 -2.57
N TYR A 211 -14.09 -6.76 -2.74
CA TYR A 211 -14.11 -8.15 -3.11
C TYR A 211 -13.63 -8.34 -4.54
N GLU A 212 -14.18 -7.56 -5.45
CA GLU A 212 -13.82 -7.72 -6.85
C GLU A 212 -12.39 -7.26 -7.12
N LEU A 213 -12.02 -6.10 -6.62
CA LEU A 213 -10.71 -5.58 -6.94
C LEU A 213 -9.59 -6.28 -6.23
N SER A 214 -9.91 -7.01 -5.17
CA SER A 214 -8.89 -7.82 -4.54
C SER A 214 -8.73 -9.15 -5.20
N ASN A 215 -9.43 -9.40 -6.31
CA ASN A 215 -9.54 -10.75 -6.87
C ASN A 215 -9.99 -11.77 -5.83
N LYS A 216 -10.95 -11.36 -5.03
CA LYS A 216 -11.60 -12.23 -4.04
C LYS A 216 -10.67 -12.71 -2.95
N GLN A 217 -9.55 -12.03 -2.77
CA GLN A 217 -8.65 -12.35 -1.67
C GLN A 217 -9.12 -11.73 -0.36
N MET A 218 -10.04 -10.80 -0.43
CA MET A 218 -10.57 -10.23 0.78
C MET A 218 -11.83 -9.42 0.53
N ILE A 219 -12.50 -9.12 1.62
CA ILE A 219 -13.58 -8.19 1.59
C ILE A 219 -13.61 -7.34 2.85
N VAL A 220 -13.91 -6.06 2.70
CA VAL A 220 -14.13 -5.17 3.85
C VAL A 220 -15.63 -5.03 4.09
N VAL A 221 -16.08 -5.44 5.26
CA VAL A 221 -17.47 -5.24 5.71
C VAL A 221 -17.49 -4.60 7.12
N ALA A 222 -18.62 -4.69 7.84
CA ALA A 222 -18.88 -3.90 9.05
C ALA A 222 -18.59 -2.42 8.82
N ILE A 223 -19.14 -1.92 7.72
CA ILE A 223 -18.97 -0.56 7.29
C ILE A 223 -19.88 0.31 8.16
N GLN A 224 -19.28 1.22 8.92
CA GLN A 224 -19.99 1.91 9.99
C GLN A 224 -19.27 3.19 10.37
N GLY A 225 -20.05 4.21 10.70
CA GLY A 225 -19.52 5.52 11.07
C GLY A 225 -20.54 6.63 10.90
N VAL A 226 -20.03 7.83 10.67
CA VAL A 226 -20.85 9.00 10.53
C VAL A 226 -20.66 9.43 9.11
N ASP A 227 -21.77 9.45 8.36
CA ASP A 227 -21.75 9.73 6.92
C ASP A 227 -20.82 8.72 6.23
N ASP A 228 -19.79 9.21 5.52
CA ASP A 228 -18.81 8.31 4.92
C ASP A 228 -17.42 8.48 5.56
N LEU A 229 -17.42 8.68 6.87
CA LEU A 229 -16.21 8.60 7.67
C LEU A 229 -16.41 7.37 8.52
N TYR A 230 -15.65 6.32 8.24
CA TYR A 230 -15.90 5.01 8.86
C TYR A 230 -14.82 4.59 9.88
N THR A 231 -15.18 3.61 10.71
CA THR A 231 -14.27 3.05 11.70
C THR A 231 -14.76 1.66 12.08
N ASP A 232 -13.98 0.95 12.87
CA ASP A 232 -14.29 -0.45 13.25
C ASP A 232 -14.73 -1.37 12.10
N PRO A 233 -14.03 -1.34 10.96
CA PRO A 233 -14.37 -2.28 9.90
C PRO A 233 -13.86 -3.66 10.20
N GLN A 234 -14.31 -4.62 9.38
CA GLN A 234 -13.88 -6.01 9.51
C GLN A 234 -13.57 -6.55 8.14
N ILE A 235 -12.44 -7.23 8.04
CA ILE A 235 -12.02 -7.90 6.80
C ILE A 235 -12.23 -9.40 6.94
N HIS A 236 -12.76 -10.01 5.90
CA HIS A 236 -12.76 -11.46 5.76
C HIS A 236 -11.79 -11.82 4.66
N THR A 237 -11.02 -12.90 4.86
CA THR A 237 -10.16 -13.48 3.81
C THR A 237 -10.48 -14.95 3.70
N PRO A 238 -10.29 -15.55 2.52
CA PRO A 238 -10.67 -16.96 2.37
C PRO A 238 -9.96 -17.95 3.31
N ASP A 239 -8.72 -17.68 3.68
CA ASP A 239 -8.03 -18.61 4.56
C ASP A 239 -8.42 -18.38 6.02
N GLY A 240 -9.11 -17.29 6.28
CA GLY A 240 -9.58 -16.96 7.62
C GLY A 240 -8.50 -16.53 8.59
N LYS A 241 -7.29 -16.30 8.12
CA LYS A 241 -6.19 -15.96 9.02
C LYS A 241 -6.00 -14.46 9.20
N GLY A 242 -5.52 -14.08 10.38
CA GLY A 242 -5.32 -12.70 10.71
C GLY A 242 -6.61 -11.89 10.75
N PHE A 243 -6.45 -10.58 10.72
CA PHE A 243 -7.55 -9.64 10.71
C PHE A 243 -8.50 -9.84 11.89
N GLY A 244 -7.90 -10.20 13.02
CA GLY A 244 -8.65 -10.39 14.26
C GLY A 244 -9.57 -11.60 14.27
N LEU A 245 -10.41 -11.65 15.30
CA LEU A 245 -11.35 -12.77 15.50
C LEU A 245 -12.67 -12.56 14.76
N GLY A 246 -12.92 -11.35 14.28
CA GLY A 246 -14.05 -11.10 13.40
C GLY A 246 -13.89 -11.59 11.97
N ASN A 247 -12.72 -12.15 11.61
CA ASN A 247 -12.50 -12.79 10.30
C ASN A 247 -13.19 -14.16 10.25
N LEU A 248 -14.30 -14.22 9.55
CA LEU A 248 -15.10 -15.43 9.44
C LEU A 248 -14.87 -16.14 8.13
N GLY A 249 -13.79 -15.80 7.44
CA GLY A 249 -13.34 -16.58 6.30
C GLY A 249 -14.30 -16.62 5.16
N LYS A 250 -14.24 -17.71 4.41
CA LYS A 250 -15.18 -17.96 3.32
C LYS A 250 -16.65 -17.78 3.72
N ALA A 251 -17.00 -18.24 4.92
CA ALA A 251 -18.35 -18.11 5.41
C ALA A 251 -18.81 -16.64 5.49
N GLY A 252 -17.95 -15.77 6.01
CA GLY A 252 -18.24 -14.34 6.03
C GLY A 252 -18.39 -13.73 4.66
N ILE A 253 -17.50 -14.14 3.75
CA ILE A 253 -17.52 -13.67 2.37
C ILE A 253 -18.83 -14.08 1.71
N ASN A 254 -19.18 -15.35 1.88
CA ASN A 254 -20.41 -15.88 1.29
C ASN A 254 -21.67 -15.31 1.89
N LYS A 255 -21.64 -14.98 3.18
CA LYS A 255 -22.79 -14.33 3.77
C LYS A 255 -23.00 -12.99 3.11
N PHE A 256 -21.92 -12.23 2.94
CA PHE A 256 -22.05 -10.96 2.27
C PHE A 256 -22.71 -11.12 0.90
N ILE A 257 -22.28 -12.11 0.15
CA ILE A 257 -22.83 -12.33 -1.20
C ILE A 257 -24.33 -12.60 -1.15
N THR A 258 -24.78 -13.42 -0.21
CA THR A 258 -26.18 -13.85 -0.21
C THR A 258 -27.12 -12.68 0.00
N THR A 259 -26.72 -11.70 0.81
CA THR A 259 -27.56 -10.52 1.01
C THR A 259 -27.21 -9.31 0.14
N HIS A 260 -26.19 -9.38 -0.71
CA HIS A 260 -25.81 -8.22 -1.49
C HIS A 260 -26.65 -8.10 -2.77
N LYS A 261 -27.26 -6.94 -2.98
CA LYS A 261 -27.89 -6.59 -4.25
C LYS A 261 -27.12 -5.42 -4.81
N CYS A 262 -26.66 -5.52 -6.05
CA CYS A 262 -25.87 -4.45 -6.59
C CYS A 262 -26.77 -3.23 -6.75
N ASN A 263 -26.15 -2.06 -6.73
CA ASN A 263 -26.87 -0.81 -6.76
C ASN A 263 -26.20 0.07 -7.78
N ALA A 264 -26.65 1.32 -7.90
CA ALA A 264 -26.14 2.17 -8.97
C ALA A 264 -24.62 2.40 -8.87
N VAL A 265 -24.12 2.45 -7.64
CA VAL A 265 -22.68 2.70 -7.43
C VAL A 265 -21.88 1.49 -7.88
N CYS A 266 -22.33 0.28 -7.54
CA CYS A 266 -21.70 -0.93 -8.13
C CYS A 266 -21.69 -0.81 -9.65
N ALA A 267 -22.80 -0.39 -10.23
CA ALA A 267 -22.85 -0.27 -11.69
C ALA A 267 -21.89 0.80 -12.20
N LEU A 268 -21.82 1.91 -11.50
CA LEU A 268 -20.90 2.97 -11.91
C LEU A 268 -19.45 2.52 -11.90
N LEU A 269 -19.13 1.63 -10.96
CA LEU A 269 -17.76 1.10 -10.82
C LEU A 269 -17.52 -0.13 -11.69
N ASP A 270 -18.54 -0.55 -12.43
CA ASP A 270 -18.42 -1.66 -13.34
C ASP A 270 -18.20 -3.02 -12.66
N LEU A 271 -18.82 -3.21 -11.53
CA LEU A 271 -18.70 -4.47 -10.83
C LEU A 271 -19.68 -5.51 -11.39
N ASP A 272 -19.20 -6.74 -11.50
CA ASP A 272 -20.00 -7.87 -11.92
C ASP A 272 -21.24 -8.01 -11.03
N VAL A 273 -22.40 -8.25 -11.60
CA VAL A 273 -23.51 -8.77 -10.80
C VAL A 273 -23.45 -10.31 -10.79
N ILE B 18 -7.55 -11.87 -26.84
CA ILE B 18 -6.39 -12.36 -27.66
C ILE B 18 -6.77 -12.59 -29.14
N SER B 19 -6.02 -11.93 -30.03
CA SER B 19 -6.30 -11.89 -31.47
C SER B 19 -5.62 -13.03 -32.25
N SER B 20 -6.13 -13.26 -33.46
CA SER B 20 -5.63 -14.29 -34.38
C SER B 20 -4.66 -13.71 -35.41
N GLU B 21 -4.44 -12.39 -35.41
CA GLU B 21 -3.34 -11.81 -36.21
C GLU B 21 -2.10 -12.51 -35.71
N THR B 22 -1.02 -12.50 -36.48
CA THR B 22 0.14 -13.25 -36.04
C THR B 22 1.15 -12.38 -35.23
N GLY B 23 1.55 -12.93 -34.09
CA GLY B 23 2.63 -12.37 -33.28
C GLY B 23 3.17 -13.48 -32.42
N GLU B 24 3.61 -13.15 -31.21
CA GLU B 24 4.14 -14.16 -30.30
C GLU B 24 3.46 -14.10 -28.94
N MET B 25 3.39 -15.24 -28.27
CA MET B 25 2.70 -15.37 -27.00
C MET B 25 3.66 -15.08 -25.89
N GLY B 26 3.09 -14.64 -24.77
CA GLY B 26 3.86 -14.36 -23.57
C GLY B 26 3.03 -14.69 -22.36
N ILE B 27 3.69 -15.11 -21.29
CA ILE B 27 3.07 -15.12 -19.96
C ILE B 27 3.33 -13.75 -19.39
N LEU B 28 2.29 -13.13 -18.87
CA LEU B 28 2.34 -11.74 -18.42
C LEU B 28 2.12 -11.70 -16.92
N TRP B 29 2.98 -10.99 -16.20
CA TRP B 29 2.85 -10.92 -14.75
C TRP B 29 2.61 -9.51 -14.24
N GLU B 30 1.57 -9.35 -13.45
CA GLU B 30 1.20 -8.06 -12.89
C GLU B 30 1.28 -8.18 -11.37
N PHE B 31 1.98 -7.27 -10.73
CA PHE B 31 1.99 -7.26 -9.25
C PHE B 31 0.99 -6.28 -8.72
N ASP B 32 0.22 -6.71 -7.72
CA ASP B 32 -0.76 -5.86 -7.06
C ASP B 32 -0.43 -5.63 -5.59
N PRO B 33 0.07 -4.43 -5.27
CA PRO B 33 0.61 -4.19 -3.91
C PRO B 33 -0.41 -4.32 -2.81
N ILE B 34 -1.67 -3.99 -3.11
CA ILE B 34 -2.66 -3.91 -2.05
C ILE B 34 -3.10 -5.28 -1.56
N ILE B 35 -2.98 -6.32 -2.38
CA ILE B 35 -3.14 -7.72 -1.90
C ILE B 35 -1.80 -8.43 -1.85
N ASN B 36 -0.73 -7.76 -2.27
CA ASN B 36 0.60 -8.31 -2.16
C ASN B 36 0.75 -9.68 -2.87
N LYS B 37 0.20 -9.74 -4.08
CA LYS B 37 0.20 -10.97 -4.90
C LYS B 37 0.51 -10.60 -6.33
N TRP B 38 1.11 -11.57 -7.03
CA TRP B 38 1.31 -11.52 -8.46
C TRP B 38 0.10 -12.13 -9.15
N ILE B 39 -0.26 -11.55 -10.30
CA ILE B 39 -1.40 -11.96 -11.08
C ILE B 39 -0.83 -12.45 -12.39
N ARG B 40 -1.15 -13.67 -12.76
CA ARG B 40 -0.54 -14.31 -13.90
C ARG B 40 -1.53 -14.38 -15.04
N LEU B 41 -1.13 -13.86 -16.20
CA LEU B 41 -2.01 -13.76 -17.38
C LEU B 41 -1.25 -14.24 -18.60
N SER B 42 -1.88 -14.16 -19.78
CA SER B 42 -1.16 -14.36 -21.04
C SER B 42 -1.47 -13.20 -21.97
N MET B 43 -0.58 -12.95 -22.92
CA MET B 43 -0.85 -11.99 -23.98
C MET B 43 -0.15 -12.36 -25.30
N LYS B 44 -0.59 -11.71 -26.37
CA LYS B 44 0.05 -11.87 -27.64
C LYS B 44 0.55 -10.51 -28.05
N LEU B 45 1.72 -10.49 -28.62
CA LEU B 45 2.34 -9.23 -28.97
C LEU B 45 3.20 -9.37 -30.21
N LYS B 46 3.44 -8.23 -30.82
CA LYS B 46 4.27 -8.15 -32.01
C LYS B 46 5.32 -7.08 -31.73
N VAL B 47 6.58 -7.45 -31.78
CA VAL B 47 7.64 -6.51 -31.39
C VAL B 47 8.57 -6.25 -32.56
N GLU B 48 8.93 -4.99 -32.74
CA GLU B 48 9.85 -4.59 -33.79
C GLU B 48 11.21 -5.20 -33.55
N ARG B 49 11.88 -5.49 -34.66
CA ARG B 49 13.16 -6.19 -34.64
C ARG B 49 14.25 -5.33 -34.02
N LYS B 50 14.17 -4.02 -34.22
CA LYS B 50 15.21 -3.12 -33.73
C LYS B 50 14.75 -2.21 -32.59
N PRO B 51 15.62 -1.98 -31.59
CA PRO B 51 15.24 -1.06 -30.51
C PRO B 51 15.18 0.39 -30.98
N PHE B 52 14.25 1.17 -30.44
CA PHE B 52 14.21 2.59 -30.75
C PHE B 52 15.04 3.41 -29.77
N ALA B 53 15.56 2.79 -28.73
CA ALA B 53 16.26 3.54 -27.68
C ALA B 53 17.01 2.61 -26.77
N GLU B 54 17.99 3.15 -26.07
CA GLU B 54 18.75 2.36 -25.13
C GLU B 54 19.33 3.29 -24.08
N GLY B 55 19.68 2.71 -22.95
CA GLY B 55 20.34 3.46 -21.88
C GLY B 55 21.45 2.58 -21.34
N ALA B 56 21.90 2.89 -20.12
CA ALA B 56 23.03 2.20 -19.52
C ALA B 56 22.85 0.68 -19.54
N LEU B 57 21.64 0.21 -19.20
CA LEU B 57 21.37 -1.21 -18.97
C LEU B 57 20.49 -1.92 -20.01
N ARG B 58 19.55 -1.21 -20.63
CA ARG B 58 18.51 -1.87 -21.41
C ARG B 58 18.32 -1.27 -22.80
N GLU B 59 17.69 -2.04 -23.68
CA GLU B 59 17.20 -1.53 -24.96
C GLU B 59 15.70 -1.60 -24.96
N ALA B 60 15.07 -0.64 -25.62
CA ALA B 60 13.64 -0.52 -25.66
C ALA B 60 13.13 -0.69 -27.07
N TYR B 61 12.02 -1.40 -27.22
CA TYR B 61 11.46 -1.74 -28.52
C TYR B 61 10.03 -1.35 -28.61
N HIS B 62 9.62 -0.79 -29.75
CA HIS B 62 8.20 -0.61 -29.98
C HIS B 62 7.54 -1.95 -30.18
N THR B 63 6.35 -2.06 -29.61
CA THR B 63 5.59 -3.31 -29.57
C THR B 63 4.12 -2.96 -29.68
N VAL B 64 3.34 -3.87 -30.25
CA VAL B 64 1.90 -3.68 -30.28
C VAL B 64 1.24 -4.91 -29.66
N SER B 65 0.22 -4.67 -28.86
CA SER B 65 -0.53 -5.73 -28.24
C SER B 65 -1.49 -6.38 -29.23
N LEU B 66 -1.56 -7.70 -29.17
CA LEU B 66 -2.57 -8.44 -29.86
C LEU B 66 -3.54 -9.04 -28.87
N GLY B 67 -3.61 -8.45 -27.68
CA GLY B 67 -4.64 -8.80 -26.72
C GLY B 67 -4.11 -9.54 -25.52
N VAL B 68 -4.90 -9.51 -24.45
CA VAL B 68 -4.56 -10.12 -23.18
C VAL B 68 -5.61 -11.15 -22.84
N GLY B 69 -5.18 -12.31 -22.39
CA GLY B 69 -6.10 -13.34 -21.93
C GLY B 69 -5.68 -13.95 -20.60
N THR B 70 -6.37 -14.99 -20.19
CA THR B 70 -6.00 -15.70 -18.99
C THR B 70 -4.83 -16.65 -19.24
N ASP B 71 -4.34 -17.24 -18.16
CA ASP B 71 -3.21 -18.13 -18.21
C ASP B 71 -3.61 -19.61 -18.18
N GLU B 72 -4.90 -19.92 -18.42
CA GLU B 72 -5.44 -21.30 -18.27
C GLU B 72 -4.67 -22.33 -19.10
N ASN B 73 -4.32 -21.96 -20.33
CA ASN B 73 -3.64 -22.90 -21.23
C ASN B 73 -2.19 -23.19 -20.90
N TYR B 74 -1.61 -22.48 -19.95
CA TYR B 74 -0.16 -22.57 -19.68
C TYR B 74 0.10 -22.88 -18.20
N PRO B 75 -0.41 -24.01 -17.72
CA PRO B 75 -0.26 -24.34 -16.31
C PRO B 75 1.15 -24.22 -15.82
N LEU B 76 1.30 -23.86 -14.56
CA LEU B 76 2.58 -23.81 -13.91
C LEU B 76 3.13 -25.20 -13.67
N GLY B 77 4.46 -25.33 -13.71
CA GLY B 77 5.09 -26.62 -13.48
C GLY B 77 4.82 -27.11 -12.08
N THR B 78 3.86 -28.02 -11.94
CA THR B 78 3.56 -28.67 -10.65
C THR B 78 4.82 -29.03 -9.85
N THR B 79 5.84 -29.58 -10.51
CA THR B 79 7.12 -29.87 -9.87
C THR B 79 8.23 -28.99 -10.45
N THR B 80 8.19 -27.72 -10.08
CA THR B 80 9.29 -26.78 -10.32
C THR B 80 9.45 -25.93 -9.06
N LYS B 81 10.44 -25.04 -9.05
CA LYS B 81 10.63 -24.11 -7.95
C LYS B 81 10.99 -22.70 -8.44
N LEU B 82 10.35 -22.26 -9.52
CA LEU B 82 10.60 -20.92 -10.10
C LEU B 82 9.86 -19.80 -9.35
N PHE B 83 10.51 -18.64 -9.27
CA PHE B 83 9.87 -17.46 -8.74
C PHE B 83 8.71 -16.99 -9.65
N PRO B 84 7.59 -16.53 -9.10
CA PRO B 84 7.33 -16.45 -7.68
C PRO B 84 6.70 -17.73 -7.17
N PRO B 85 6.88 -18.00 -5.87
CA PRO B 85 6.28 -19.19 -5.31
C PRO B 85 4.76 -19.09 -5.33
N ILE B 86 4.14 -20.26 -5.37
CA ILE B 86 2.72 -20.37 -5.55
C ILE B 86 1.91 -19.57 -4.53
N GLU B 87 2.39 -19.46 -3.31
CA GLU B 87 1.65 -18.70 -2.30
C GLU B 87 1.67 -17.17 -2.50
N MET B 88 2.52 -16.68 -3.39
CA MET B 88 2.57 -15.27 -3.78
C MET B 88 1.77 -14.99 -5.07
N ILE B 89 1.01 -15.97 -5.52
CA ILE B 89 0.26 -15.82 -6.74
C ILE B 89 -1.23 -15.83 -6.42
N SER B 90 -1.96 -14.86 -6.97
CA SER B 90 -3.41 -14.83 -6.81
C SER B 90 -3.99 -15.95 -7.64
N PRO B 91 -4.84 -16.79 -7.04
CA PRO B 91 -5.49 -17.81 -7.85
C PRO B 91 -6.50 -17.23 -8.84
N ILE B 92 -6.91 -15.98 -8.62
CA ILE B 92 -7.91 -15.34 -9.48
C ILE B 92 -7.29 -14.10 -10.13
N SER B 93 -7.64 -13.87 -11.39
CA SER B 93 -7.02 -12.85 -12.20
C SER B 93 -8.02 -12.03 -13.00
N LYS B 94 -9.28 -12.08 -12.61
CA LYS B 94 -10.34 -11.43 -13.34
C LYS B 94 -10.12 -9.91 -13.40
N ASN B 95 -9.64 -9.32 -12.31
CA ASN B 95 -9.31 -7.91 -12.29
C ASN B 95 -7.81 -7.63 -12.37
N ASN B 96 -7.45 -6.76 -13.29
CA ASN B 96 -6.09 -6.40 -13.51
C ASN B 96 -6.06 -5.21 -14.43
N GLU B 97 -4.96 -4.46 -14.40
CA GLU B 97 -4.77 -3.31 -15.26
C GLU B 97 -4.44 -3.68 -16.72
N ALA B 98 -3.76 -4.81 -16.91
CA ALA B 98 -3.31 -5.22 -18.23
C ALA B 98 -4.44 -5.30 -19.22
N MET B 99 -5.61 -5.74 -18.77
CA MET B 99 -6.71 -6.00 -19.68
C MET B 99 -7.23 -4.74 -20.36
N THR B 100 -7.14 -3.58 -19.69
CA THR B 100 -7.48 -2.32 -20.36
C THR B 100 -6.24 -1.66 -20.96
N GLN B 101 -5.14 -1.65 -20.21
CA GLN B 101 -3.95 -0.91 -20.65
C GLN B 101 -3.14 -1.57 -21.73
N LEU B 102 -3.34 -2.86 -21.95
CA LEU B 102 -2.66 -3.57 -23.03
C LEU B 102 -3.65 -4.27 -23.97
N LYS B 103 -4.85 -3.73 -24.09
CA LYS B 103 -5.87 -4.35 -24.92
C LYS B 103 -5.41 -4.35 -26.37
N ASN B 104 -6.02 -5.22 -27.17
CA ASN B 104 -5.65 -5.36 -28.58
C ASN B 104 -5.44 -4.03 -29.30
N GLY B 105 -4.32 -3.91 -29.99
CA GLY B 105 -3.99 -2.71 -30.73
C GLY B 105 -3.20 -1.63 -30.00
N THR B 106 -3.08 -1.74 -28.67
CA THR B 106 -2.27 -0.81 -27.89
C THR B 106 -0.79 -0.86 -28.30
N LYS B 107 -0.21 0.31 -28.46
CA LYS B 107 1.23 0.42 -28.67
C LYS B 107 1.91 0.60 -27.34
N PHE B 108 3.01 -0.11 -27.13
CA PHE B 108 3.68 -0.10 -25.85
C PHE B 108 5.15 -0.43 -26.01
N VAL B 109 5.88 -0.55 -24.91
CA VAL B 109 7.31 -0.68 -24.97
C VAL B 109 7.77 -1.96 -24.29
N LEU B 110 8.75 -2.61 -24.89
CA LEU B 110 9.31 -3.84 -24.36
C LEU B 110 10.78 -3.60 -24.12
N LYS B 111 11.29 -4.03 -22.96
CA LYS B 111 12.68 -3.75 -22.61
C LYS B 111 13.44 -5.01 -22.32
N LEU B 112 14.62 -5.12 -22.93
CA LEU B 112 15.50 -6.25 -22.70
C LEU B 112 16.76 -5.74 -22.09
N TYR B 113 17.33 -6.49 -21.17
CA TYR B 113 18.66 -6.18 -20.65
C TYR B 113 19.67 -6.45 -21.75
N LYS B 114 20.73 -5.65 -21.79
CA LYS B 114 21.84 -5.91 -22.69
C LYS B 114 22.73 -7.03 -22.16
N LYS B 115 23.52 -7.62 -23.06
CA LYS B 115 24.50 -8.65 -22.70
C LYS B 115 25.26 -8.29 -21.41
N GLU B 116 25.95 -7.14 -21.43
CA GLU B 116 26.79 -6.70 -20.31
C GLU B 116 26.00 -6.57 -19.01
N GLN B 119 24.01 -11.30 -18.69
CA GLN B 119 23.76 -10.25 -17.72
C GLN B 119 23.86 -10.80 -16.28
N GLN B 120 23.85 -9.89 -15.30
CA GLN B 120 23.68 -10.25 -13.88
C GLN B 120 22.20 -10.51 -13.57
N ALA B 121 21.34 -10.50 -14.60
CA ALA B 121 19.88 -10.50 -14.45
C ALA B 121 19.26 -11.88 -14.21
N SER B 122 19.08 -12.23 -12.94
CA SER B 122 18.32 -13.40 -12.61
C SER B 122 16.81 -13.16 -12.82
N ARG B 123 16.06 -14.26 -12.77
CA ARG B 123 14.63 -14.23 -12.91
C ARG B 123 14.02 -13.35 -11.82
N GLU B 124 14.47 -13.54 -10.58
CA GLU B 124 14.03 -12.77 -9.40
C GLU B 124 14.17 -11.25 -9.60
N LEU B 125 15.21 -10.83 -10.30
CA LEU B 125 15.47 -9.42 -10.51
C LEU B 125 14.42 -8.75 -11.35
N TYR B 126 13.86 -9.46 -12.32
CA TYR B 126 12.82 -8.85 -13.17
C TYR B 126 11.58 -8.58 -12.35
N PHE B 127 11.25 -9.52 -11.49
CA PHE B 127 10.10 -9.39 -10.64
C PHE B 127 10.31 -8.32 -9.61
N GLU B 128 11.54 -8.21 -9.08
CA GLU B 128 11.92 -7.10 -8.20
C GLU B 128 11.73 -5.73 -8.86
N ASP B 129 12.16 -5.62 -10.11
CA ASP B 129 12.05 -4.37 -10.84
C ASP B 129 10.59 -3.97 -11.04
N VAL B 130 9.75 -4.93 -11.34
CA VAL B 130 8.37 -4.61 -11.58
C VAL B 130 7.68 -4.27 -10.28
N LYS B 131 7.96 -5.02 -9.23
CA LYS B 131 7.40 -4.71 -7.93
C LYS B 131 7.81 -3.32 -7.48
N MET B 132 9.08 -3.01 -7.62
CA MET B 132 9.57 -1.65 -7.29
C MET B 132 8.79 -0.57 -7.99
N GLN B 133 8.53 -0.77 -9.26
CA GLN B 133 7.79 0.22 -9.98
C GLN B 133 6.36 0.38 -9.46
N MET B 134 5.75 -0.74 -9.04
CA MET B 134 4.41 -0.68 -8.43
C MET B 134 4.41 0.02 -7.08
N VAL B 135 5.48 -0.15 -6.31
CA VAL B 135 5.60 0.56 -5.03
C VAL B 135 5.76 2.07 -5.26
N CYS B 136 6.57 2.43 -6.24
CA CYS B 136 6.70 3.84 -6.57
C CYS B 136 5.35 4.43 -6.99
N ARG B 137 4.52 3.65 -7.67
CA ARG B 137 3.20 4.15 -8.02
C ARG B 137 2.40 4.47 -6.80
N ASP B 138 2.50 3.66 -5.75
CA ASP B 138 1.83 3.96 -4.50
C ASP B 138 2.32 5.30 -3.90
N TRP B 139 3.61 5.59 -4.04
CA TRP B 139 4.17 6.80 -3.50
C TRP B 139 3.68 7.99 -4.26
N GLY B 140 3.54 7.84 -5.57
CA GLY B 140 2.96 8.86 -6.41
C GLY B 140 1.55 9.21 -5.98
N ASN B 141 0.72 8.21 -5.69
CA ASN B 141 -0.65 8.48 -5.23
C ASN B 141 -0.63 9.20 -3.91
N LYS B 142 0.27 8.78 -3.03
CA LYS B 142 0.39 9.39 -1.73
C LYS B 142 0.79 10.88 -1.84
N PHE B 143 1.72 11.15 -2.75
CA PHE B 143 2.15 12.51 -3.04
C PHE B 143 0.98 13.33 -3.56
N ASN B 144 0.27 12.77 -4.54
CA ASN B 144 -0.88 13.43 -5.07
C ASN B 144 -1.98 13.75 -4.08
N GLN B 145 -2.13 12.95 -3.02
CA GLN B 145 -3.16 13.21 -2.01
C GLN B 145 -2.91 14.51 -1.25
N LYS B 146 -1.66 14.97 -1.20
CA LYS B 146 -1.34 16.27 -0.61
C LYS B 146 -1.72 17.43 -1.53
N LYS B 147 -2.18 17.11 -2.74
CA LYS B 147 -2.66 18.14 -3.69
C LYS B 147 -1.55 19.16 -4.00
N PRO B 148 -0.44 18.67 -4.58
CA PRO B 148 0.63 19.57 -4.97
C PRO B 148 0.25 20.27 -6.25
N PRO B 149 1.03 21.26 -6.68
CA PRO B 149 0.72 21.97 -7.93
C PRO B 149 0.74 21.09 -9.18
N LYS B 150 1.64 20.11 -9.24
CA LYS B 150 1.59 19.11 -10.30
C LYS B 150 1.55 17.70 -9.72
N LYS B 151 0.47 17.00 -10.07
CA LYS B 151 0.32 15.59 -9.71
C LYS B 151 1.32 14.82 -10.54
N ILE B 152 1.76 13.68 -10.02
CA ILE B 152 2.65 12.80 -10.75
C ILE B 152 2.02 11.42 -10.92
N GLU B 153 2.61 10.60 -11.76
CA GLU B 153 2.17 9.24 -11.91
C GLU B 153 3.31 8.41 -12.44
N PHE B 154 3.46 7.22 -11.92
CA PHE B 154 4.37 6.25 -12.49
C PHE B 154 3.58 5.28 -13.36
N LEU B 155 4.15 4.93 -14.48
CA LEU B 155 3.59 3.92 -15.35
C LEU B 155 3.53 2.54 -14.71
N MET B 156 2.54 1.76 -15.15
CA MET B 156 2.52 0.34 -14.91
C MET B 156 3.73 -0.29 -15.58
N SER B 157 4.19 -1.38 -15.00
CA SER B 157 5.17 -2.23 -15.60
C SER B 157 4.76 -3.68 -15.29
N TRP B 158 5.20 -4.60 -16.15
CA TRP B 158 4.84 -5.99 -16.06
C TRP B 158 6.03 -6.83 -16.48
N VAL B 159 6.14 -8.03 -15.92
CA VAL B 159 7.12 -8.98 -16.44
C VAL B 159 6.46 -9.82 -17.55
N VAL B 160 7.21 -10.12 -18.60
CA VAL B 160 6.72 -11.02 -19.64
C VAL B 160 7.74 -12.10 -19.95
N GLU B 161 7.28 -13.36 -19.86
CA GLU B 161 8.04 -14.50 -20.30
C GLU B 161 7.69 -14.78 -21.77
N LEU B 162 8.65 -14.61 -22.66
CA LEU B 162 8.43 -14.78 -24.09
C LEU B 162 8.56 -16.26 -24.43
N ILE B 163 7.47 -16.98 -24.24
CA ILE B 163 7.46 -18.45 -24.30
C ILE B 163 7.55 -19.04 -25.71
N ASP B 164 7.25 -18.26 -26.74
CA ASP B 164 7.46 -18.72 -28.12
C ASP B 164 8.93 -18.76 -28.55
N ARG B 165 9.82 -18.09 -27.81
CA ARG B 165 11.23 -17.98 -28.20
C ARG B 165 12.02 -19.10 -27.60
N SER B 166 13.05 -19.54 -28.33
CA SER B 166 13.90 -20.59 -27.83
C SER B 166 14.57 -20.15 -26.52
N PRO B 167 14.49 -20.98 -25.48
CA PRO B 167 15.09 -20.67 -24.18
C PRO B 167 16.55 -20.34 -24.26
N SER B 168 17.06 -19.64 -23.26
CA SER B 168 18.49 -19.41 -23.14
C SER B 168 19.15 -20.76 -22.83
N SER B 169 20.47 -20.83 -22.92
CA SER B 169 21.19 -22.09 -22.72
C SER B 169 20.79 -22.83 -21.42
N ASN B 170 20.50 -22.06 -20.37
CA ASN B 170 20.13 -22.62 -19.05
C ASN B 170 18.70 -23.17 -18.91
N GLY B 171 17.87 -22.98 -19.94
CA GLY B 171 16.59 -23.68 -20.03
C GLY B 171 15.33 -22.96 -19.52
N GLN B 172 15.50 -21.83 -18.84
CA GLN B 172 14.35 -20.99 -18.45
C GLN B 172 14.11 -19.98 -19.59
N PRO B 173 12.87 -19.52 -19.75
CA PRO B 173 12.55 -18.75 -20.98
C PRO B 173 13.09 -17.33 -20.97
N ILE B 174 13.03 -16.70 -22.13
CA ILE B 174 13.47 -15.33 -22.33
C ILE B 174 12.54 -14.41 -21.55
N LEU B 175 13.11 -13.60 -20.67
CA LEU B 175 12.34 -12.64 -19.92
C LEU B 175 12.58 -11.23 -20.42
N CYS B 176 11.57 -10.41 -20.21
CA CYS B 176 11.64 -8.99 -20.50
C CYS B 176 10.65 -8.28 -19.58
N SER B 177 10.61 -6.96 -19.63
CA SER B 177 9.58 -6.22 -18.93
C SER B 177 8.90 -5.37 -19.95
N ILE B 178 7.65 -5.00 -19.70
CA ILE B 178 6.95 -4.13 -20.63
C ILE B 178 6.24 -3.02 -19.88
N GLU B 179 5.94 -1.94 -20.58
CA GLU B 179 5.28 -0.80 -19.99
C GLU B 179 4.63 0.04 -21.09
N PRO B 180 3.69 0.92 -20.72
CA PRO B 180 3.10 1.82 -21.72
C PRO B 180 4.10 2.70 -22.43
N LEU B 181 3.72 3.19 -23.59
CA LEU B 181 4.59 4.03 -24.41
C LEU B 181 4.46 5.45 -23.91
N LEU B 182 5.57 6.10 -23.63
CA LEU B 182 5.52 7.54 -23.36
C LEU B 182 5.71 8.34 -24.63
N VAL B 183 4.78 9.23 -24.92
CA VAL B 183 4.92 10.14 -26.06
C VAL B 183 5.39 11.53 -25.62
N GLY B 184 6.56 11.94 -26.11
CA GLY B 184 7.12 13.25 -25.77
C GLY B 184 8.61 13.19 -25.55
N GLU B 185 9.13 14.26 -24.95
CA GLU B 185 10.55 14.37 -24.68
C GLU B 185 10.90 13.69 -23.35
N PHE B 186 11.60 12.58 -23.45
CA PHE B 186 11.97 11.82 -22.29
C PHE B 186 13.15 12.48 -21.57
N LYS B 187 12.96 12.81 -20.31
CA LYS B 187 14.00 13.46 -19.55
C LYS B 187 14.22 12.83 -18.19
N LYS B 188 15.47 12.86 -17.78
CA LYS B 188 15.88 12.36 -16.51
C LYS B 188 16.15 13.50 -15.57
N ASN B 189 15.49 13.51 -14.41
CA ASN B 189 15.53 14.65 -13.48
C ASN B 189 16.47 14.48 -12.31
N ASN B 190 16.58 13.27 -11.78
CA ASN B 190 17.70 12.97 -10.89
C ASN B 190 18.15 11.55 -11.14
N SER B 191 19.32 11.20 -10.60
CA SER B 191 19.85 9.84 -10.69
C SER B 191 19.66 9.11 -9.35
N ASN B 192 20.11 7.86 -9.27
CA ASN B 192 20.06 7.13 -8.04
C ASN B 192 21.31 7.34 -7.22
N TYR B 193 22.11 8.35 -7.57
CA TYR B 193 23.24 8.70 -6.69
C TYR B 193 23.62 10.18 -6.67
N GLY B 194 22.63 11.05 -6.44
CA GLY B 194 22.91 12.45 -6.09
C GLY B 194 22.82 13.51 -7.20
N ALA B 195 22.78 13.08 -8.46
CA ALA B 195 22.75 14.01 -9.57
C ALA B 195 21.39 14.66 -9.66
N VAL B 196 21.41 15.97 -9.86
CA VAL B 196 20.21 16.76 -10.10
C VAL B 196 20.42 17.30 -11.51
N LEU B 197 19.62 16.81 -12.45
CA LEU B 197 19.89 17.00 -13.87
C LEU B 197 18.93 17.95 -14.60
N THR B 198 17.89 18.44 -13.93
CA THR B 198 17.04 19.50 -14.49
C THR B 198 16.64 20.47 -13.39
N ASN B 199 16.09 21.61 -13.78
CA ASN B 199 15.69 22.67 -12.85
C ASN B 199 14.28 22.54 -12.33
N ARG B 200 13.57 21.52 -12.78
CA ARG B 200 12.20 21.33 -12.38
C ARG B 200 12.13 20.99 -10.89
N SER B 201 11.10 21.50 -10.26
CA SER B 201 10.95 21.38 -8.84
C SER B 201 10.26 20.10 -8.40
N THR B 202 9.21 19.74 -9.14
CA THR B 202 8.34 18.66 -8.69
C THR B 202 9.10 17.33 -8.49
N PRO B 203 9.99 16.97 -9.43
CA PRO B 203 10.71 15.72 -9.27
C PRO B 203 11.57 15.64 -8.05
N GLN B 204 12.20 16.75 -7.71
CA GLN B 204 13.11 16.78 -6.56
C GLN B 204 12.27 16.82 -5.30
N ALA B 205 11.17 17.55 -5.34
CA ALA B 205 10.27 17.62 -4.19
C ALA B 205 9.60 16.27 -3.92
N PHE B 206 9.35 15.52 -4.96
CA PHE B 206 8.77 14.20 -4.78
C PHE B 206 9.79 13.29 -4.07
N SER B 207 11.04 13.27 -4.56
CA SER B 207 12.07 12.46 -3.92
C SER B 207 12.22 12.80 -2.45
N HIS B 208 12.25 14.09 -2.16
CA HIS B 208 12.33 14.56 -0.77
C HIS B 208 11.08 14.14 0.04
N PHE B 209 9.90 14.35 -0.52
CA PHE B 209 8.68 13.84 0.08
C PHE B 209 8.85 12.37 0.54
N THR B 210 9.36 11.51 -0.34
CA THR B 210 9.44 10.10 0.01
C THR B 210 10.43 9.93 1.15
N TYR B 211 11.48 10.73 1.18
CA TYR B 211 12.51 10.65 2.22
C TYR B 211 11.96 11.01 3.61
N GLU B 212 11.23 12.10 3.67
CA GLU B 212 10.62 12.53 4.91
C GLU B 212 9.46 11.61 5.32
N LEU B 213 8.53 11.34 4.41
CA LEU B 213 7.32 10.62 4.79
C LEU B 213 7.56 9.16 5.02
N SER B 214 8.66 8.63 4.53
CA SER B 214 9.03 7.26 4.80
C SER B 214 9.81 7.11 6.08
N ASN B 215 10.00 8.19 6.83
CA ASN B 215 10.97 8.19 7.95
C ASN B 215 12.33 7.66 7.53
N LYS B 216 12.76 8.09 6.35
CA LYS B 216 14.07 7.73 5.79
C LYS B 216 14.21 6.24 5.51
N GLN B 217 13.10 5.50 5.52
CA GLN B 217 13.13 4.06 5.24
C GLN B 217 13.00 3.72 3.76
N MET B 218 12.60 4.68 2.94
CA MET B 218 12.33 4.37 1.52
C MET B 218 12.32 5.63 0.69
N ILE B 219 13.34 5.79 -0.14
CA ILE B 219 13.56 7.00 -0.91
C ILE B 219 13.38 6.60 -2.38
N VAL B 220 12.57 7.35 -3.12
CA VAL B 220 12.39 7.13 -4.55
C VAL B 220 13.16 8.21 -5.31
N VAL B 221 14.13 7.78 -6.09
CA VAL B 221 14.91 8.65 -6.96
C VAL B 221 14.98 8.07 -8.37
N ALA B 222 15.95 8.51 -9.19
CA ALA B 222 15.95 8.25 -10.64
C ALA B 222 14.62 8.61 -11.30
N ILE B 223 14.16 9.79 -10.95
CA ILE B 223 12.86 10.28 -11.39
C ILE B 223 13.01 10.74 -12.82
N GLN B 224 12.28 10.10 -13.73
CA GLN B 224 12.52 10.27 -15.15
C GLN B 224 11.31 9.86 -15.96
N GLY B 225 11.11 10.56 -17.07
CA GLY B 225 9.98 10.32 -17.95
C GLY B 225 9.65 11.54 -18.82
N VAL B 226 8.39 11.64 -19.18
CA VAL B 226 7.91 12.72 -19.99
C VAL B 226 6.98 13.50 -19.13
N ASP B 227 7.32 14.78 -18.93
CA ASP B 227 6.59 15.65 -18.01
C ASP B 227 6.53 14.99 -16.65
N ASP B 228 5.34 14.74 -16.10
CA ASP B 228 5.23 14.06 -14.80
C ASP B 228 4.60 12.68 -14.92
N LEU B 229 4.89 12.01 -16.04
CA LEU B 229 4.58 10.60 -16.19
C LEU B 229 5.93 9.91 -16.14
N TYR B 230 6.20 9.16 -15.07
CA TYR B 230 7.54 8.63 -14.83
C TYR B 230 7.65 7.12 -14.98
N THR B 231 8.88 6.66 -15.16
CA THR B 231 9.14 5.23 -15.28
C THR B 231 10.59 4.97 -14.91
N ASP B 232 11.00 3.70 -14.86
CA ASP B 232 12.38 3.35 -14.43
C ASP B 232 12.88 4.11 -13.17
N PRO B 233 12.06 4.19 -12.08
CA PRO B 233 12.55 4.77 -10.84
C PRO B 233 13.43 3.81 -10.09
N GLN B 234 14.09 4.33 -9.06
CA GLN B 234 14.90 3.53 -8.18
C GLN B 234 14.59 3.89 -6.75
N ILE B 235 14.43 2.87 -5.94
CA ILE B 235 14.26 3.01 -4.49
C ILE B 235 15.53 2.61 -3.75
N HIS B 236 15.88 3.40 -2.74
CA HIS B 236 16.89 3.04 -1.77
C HIS B 236 16.17 2.79 -0.45
N THR B 237 16.62 1.75 0.26
CA THR B 237 16.18 1.45 1.62
C THR B 237 17.41 1.29 2.50
N PRO B 238 17.29 1.55 3.81
CA PRO B 238 18.50 1.52 4.65
C PRO B 238 19.24 0.18 4.72
N ASP B 239 18.52 -0.93 4.66
CA ASP B 239 19.19 -2.21 4.72
C ASP B 239 19.75 -2.61 3.35
N GLY B 240 19.37 -1.88 2.31
CA GLY B 240 19.90 -2.14 0.98
C GLY B 240 19.36 -3.39 0.31
N LYS B 241 18.35 -4.02 0.90
CA LYS B 241 17.83 -5.28 0.35
C LYS B 241 16.67 -5.07 -0.59
N GLY B 242 16.56 -5.98 -1.55
CA GLY B 242 15.53 -5.88 -2.56
C GLY B 242 15.67 -4.63 -3.44
N PHE B 243 14.60 -4.33 -4.16
CA PHE B 243 14.53 -3.19 -5.05
C PHE B 243 15.67 -3.15 -6.07
N GLY B 244 16.04 -4.34 -6.52
CA GLY B 244 17.05 -4.48 -7.55
C GLY B 244 18.46 -4.09 -7.11
N LEU B 245 19.34 -4.02 -8.10
CA LEU B 245 20.76 -3.73 -7.84
C LEU B 245 21.04 -2.23 -7.76
N GLY B 246 20.09 -1.41 -8.20
CA GLY B 246 20.21 0.03 -8.05
C GLY B 246 19.94 0.53 -6.65
N ASN B 247 19.61 -0.35 -5.71
CA ASN B 247 19.44 -0.02 -4.28
C ASN B 247 20.82 0.12 -3.62
N LEU B 248 21.22 1.36 -3.34
CA LEU B 248 22.51 1.71 -2.77
C LEU B 248 22.39 2.06 -1.30
N GLY B 249 21.28 1.68 -0.71
CA GLY B 249 21.18 1.68 0.75
C GLY B 249 21.26 3.06 1.36
N LYS B 250 21.74 3.10 2.60
CA LYS B 250 22.01 4.36 3.33
C LYS B 250 22.85 5.32 2.54
N ALA B 251 23.84 4.81 1.83
CA ALA B 251 24.68 5.66 0.97
C ALA B 251 23.87 6.41 -0.09
N GLY B 252 22.97 5.73 -0.76
CA GLY B 252 22.13 6.36 -1.77
C GLY B 252 21.23 7.40 -1.12
N ILE B 253 20.68 7.06 0.04
CA ILE B 253 19.80 7.95 0.81
C ILE B 253 20.53 9.20 1.22
N ASN B 254 21.73 9.02 1.75
CA ASN B 254 22.59 10.14 2.12
C ASN B 254 23.01 10.99 0.93
N LYS B 255 23.27 10.37 -0.21
CA LYS B 255 23.67 11.13 -1.39
C LYS B 255 22.53 12.04 -1.83
N PHE B 256 21.33 11.47 -1.90
CA PHE B 256 20.19 12.27 -2.30
C PHE B 256 20.00 13.46 -1.39
N ILE B 257 20.02 13.21 -0.09
CA ILE B 257 19.69 14.24 0.86
C ILE B 257 20.76 15.36 0.87
N THR B 258 22.04 15.00 0.76
CA THR B 258 23.09 16.02 0.81
C THR B 258 23.11 16.92 -0.41
N THR B 259 22.81 16.40 -1.59
CA THR B 259 22.77 17.25 -2.79
C THR B 259 21.41 17.92 -3.01
N HIS B 260 20.44 17.66 -2.14
CA HIS B 260 19.10 18.18 -2.33
C HIS B 260 18.99 19.60 -1.80
N LYS B 261 18.48 20.52 -2.62
CA LYS B 261 18.07 21.86 -2.19
C LYS B 261 16.56 22.03 -2.32
N CYS B 262 15.91 22.43 -1.25
CA CYS B 262 14.46 22.49 -1.29
C CYS B 262 14.02 23.62 -2.21
N ASN B 263 12.79 23.45 -2.71
CA ASN B 263 12.22 24.38 -3.65
C ASN B 263 10.83 24.73 -3.17
N ALA B 264 10.09 25.48 -3.96
CA ALA B 264 8.77 25.95 -3.51
C ALA B 264 7.78 24.81 -3.20
N VAL B 265 7.89 23.71 -3.95
CA VAL B 265 7.00 22.58 -3.74
C VAL B 265 7.34 21.92 -2.42
N CYS B 266 8.62 21.73 -2.13
CA CYS B 266 8.97 21.22 -0.79
C CYS B 266 8.32 22.10 0.27
N ALA B 267 8.38 23.42 0.08
CA ALA B 267 7.81 24.33 1.06
C ALA B 267 6.30 24.21 1.15
N LEU B 268 5.61 24.05 0.03
CA LEU B 268 4.15 23.81 0.09
C LEU B 268 3.78 22.54 0.83
N LEU B 269 4.64 21.52 0.74
CA LEU B 269 4.40 20.25 1.41
C LEU B 269 4.90 20.23 2.85
N ASP B 270 5.48 21.36 3.31
CA ASP B 270 6.02 21.52 4.68
C ASP B 270 7.15 20.55 5.02
N LEU B 271 8.03 20.32 4.09
CA LEU B 271 9.14 19.45 4.35
C LEU B 271 10.24 20.26 5.07
N ASP B 272 10.92 19.63 6.02
CA ASP B 272 12.09 20.22 6.65
C ASP B 272 13.06 20.71 5.62
N VAL B 273 13.54 21.94 5.76
CA VAL B 273 14.27 22.56 4.67
C VAL B 273 15.72 22.07 4.69
N LYS B 274 16.21 21.79 3.49
CA LYS B 274 17.55 21.33 3.21
C LYS B 274 18.25 22.35 2.32
N LEU B 275 19.51 22.64 2.62
CA LEU B 275 20.27 23.65 1.87
C LEU B 275 21.28 23.11 0.86
N GLY B 276 21.52 21.80 0.88
CA GLY B 276 22.30 21.14 -0.20
C GLY B 276 23.80 21.44 -0.24
P PO4 C . -25.66 6.81 -0.84
O1 PO4 C . -25.41 7.92 -1.80
O2 PO4 C . -26.01 7.31 0.54
O3 PO4 C . -24.37 6.05 -0.89
O4 PO4 C . -26.77 5.90 -1.32
ZN ZN D . -22.59 -4.81 -5.97
PG ATP E . -18.99 -3.93 16.76
O1G ATP E . -18.74 -3.79 15.27
O2G ATP E . -20.16 -3.10 17.24
O3G ATP E . -19.03 -5.37 17.24
PB ATP E . -17.79 -2.66 18.94
O1B ATP E . -17.32 -3.69 19.93
O2B ATP E . -19.21 -2.11 19.00
O3B ATP E . -17.65 -3.28 17.45
PA ATP E . -17.18 0.01 18.20
O1A ATP E . -15.77 0.40 17.74
O2A ATP E . -18.30 -0.03 17.18
O3A ATP E . -16.90 -1.34 19.03
O5' ATP E . -17.57 1.08 19.36
C5' ATP E . -18.78 1.00 20.10
C4' ATP E . -19.61 2.26 19.92
O4' ATP E . -18.90 3.49 20.16
C3' ATP E . -20.14 2.36 18.50
O3' ATP E . -21.23 1.46 18.36
C2' ATP E . -20.47 3.83 18.42
O2' ATP E . -21.71 4.08 19.10
C1' ATP E . -19.36 4.48 19.21
N9 ATP E . -18.14 4.92 18.48
C8 ATP E . -17.17 4.09 18.01
N7 ATP E . -16.18 4.81 17.42
C5 ATP E . -16.48 6.09 17.55
C6 ATP E . -15.83 7.34 17.19
N6 ATP E . -14.66 7.28 16.56
N1 ATP E . -16.46 8.51 17.47
C2 ATP E . -17.64 8.52 18.12
N3 ATP E . -18.30 7.41 18.50
C4 ATP E . -17.78 6.18 18.25
P PO4 F . 8.11 22.14 -12.24
O1 PO4 F . 8.02 21.79 -13.68
O2 PO4 F . 9.33 22.98 -11.99
O3 PO4 F . 8.17 20.88 -11.44
O4 PO4 F . 6.82 22.81 -11.89
ZN ZN G . 13.09 19.60 -0.38
PG ATP H . 18.76 4.80 -18.20
O1G ATP H . 20.25 4.56 -18.05
O2G ATP H . 18.34 6.01 -19.01
O3G ATP H . 18.02 4.53 -16.87
PB ATP H . 18.01 2.16 -18.80
O1B ATP H . 19.01 1.22 -19.36
O2B ATP H . 17.71 2.13 -17.31
O3B ATP H . 18.35 3.66 -19.26
PA ATP H . 15.29 2.87 -19.43
O1A ATP H . 15.47 4.24 -18.78
O2A ATP H . 14.21 2.02 -18.82
O3A ATP H . 16.62 1.97 -19.59
O5' ATP H . 14.93 2.98 -21.01
C5' ATP H . 15.90 3.27 -22.02
C4' ATP H . 15.45 4.49 -22.85
O4' ATP H . 14.20 4.27 -23.51
C3' ATP H . 15.24 5.71 -21.98
O3' ATP H . 16.45 6.41 -21.77
C2' ATP H . 14.20 6.46 -22.77
O2' ATP H . 14.83 7.18 -23.82
C1' ATP H . 13.35 5.41 -23.41
N9 ATP H . 12.14 4.94 -22.67
C8 ATP H . 12.16 4.24 -21.53
N7 ATP H . 10.90 3.92 -21.15
C5 ATP H . 10.05 4.41 -22.06
C6 ATP H . 8.60 4.42 -22.28
N6 ATP H . 7.76 3.82 -21.41
N1 ATP H . 8.10 5.04 -23.37
C2 ATP H . 8.92 5.63 -24.26
N3 ATP H . 10.24 5.66 -24.10
C4 ATP H . 10.88 5.07 -23.06
#